data_6CQ1
#
_entry.id   6CQ1
#
_cell.length_a   31.012
_cell.length_b   39.621
_cell.length_c   55.225
_cell.angle_alpha   83.654
_cell.angle_beta   73.633
_cell.angle_gamma   66.980
#
_symmetry.space_group_name_H-M   'P 1'
#
loop_
_entity.id
_entity.type
_entity.pdbx_description
1 polymer 'B-cell lymphoma 6 protein'
2 non-polymer 2-{6-({[2-(1H-indol-3-yl)ethyl]carbamothioyl}amino)-3-[(4-methylpiperazin-1-yl)methyl]-1H-indol-1-yl}-N-(propan-2-yl)acetamide
3 water water
#
_entity_poly.entity_id   1
_entity_poly.type   'polypeptide(L)'
_entity_poly.pdbx_seq_one_letter_code
;GSMASPADSQIQFTRHASDVLLNLNRLRSRDILTDVVIVVSREQFRAHKTVLMACSGLFYSIFTDQLKRNLSVINLDPEI
NPEGFNILLDFMYTSRLNLRVGNIMAVMATAMYLQMEHVVDTCRKFIKASE
;
_entity_poly.pdbx_strand_id   A,B
#
loop_
_chem_comp.id
_chem_comp.type
_chem_comp.name
_chem_comp.formula
F8J non-polymer 2-{6-({[2-(1H-indol-3-yl)ethyl]carbamothioyl}amino)-3-[(4-methylpiperazin-1-yl)methyl]-1H-indol-1-yl}-N-(propan-2-yl)acetamide 'C30 H39 N7 O S'
#
# COMPACT_ATOMS: atom_id res chain seq x y z
N ASP A 8 -5.20 1.89 -19.36
CA ASP A 8 -6.18 1.57 -20.39
C ASP A 8 -5.61 0.54 -21.34
N SER A 9 -4.70 1.04 -22.16
CA SER A 9 -3.97 0.21 -23.09
C SER A 9 -2.58 -0.15 -22.59
N GLN A 10 -2.31 0.07 -21.31
CA GLN A 10 -1.00 -0.26 -20.76
C GLN A 10 -0.93 -1.75 -20.39
N ILE A 11 0.29 -2.21 -20.15
CA ILE A 11 0.52 -3.61 -19.79
C ILE A 11 0.11 -3.83 -18.34
N GLN A 12 -0.66 -4.85 -18.11
CA GLN A 12 -1.14 -5.15 -16.78
C GLN A 12 -0.37 -6.27 -16.08
N PHE A 13 0.08 -5.95 -14.86
CA PHE A 13 0.84 -6.88 -14.05
C PHE A 13 -0.11 -7.48 -13.04
N THR A 14 -0.60 -8.68 -13.24
CA THR A 14 -1.72 -9.14 -12.51
C THR A 14 -1.37 -9.40 -11.04
N ARG A 15 -0.10 -9.54 -10.78
CA ARG A 15 0.26 -9.90 -9.44
C ARG A 15 0.91 -8.75 -8.69
N HIS A 16 1.01 -7.61 -9.30
CA HIS A 16 1.71 -6.49 -8.67
C HIS A 16 1.01 -6.03 -7.39
N ALA A 17 -0.30 -5.85 -7.43
CA ALA A 17 -1.01 -5.32 -6.27
C ALA A 17 -0.89 -6.25 -5.07
N SER A 18 -1.06 -7.56 -5.29
CA SER A 18 -0.85 -8.52 -4.22
C SER A 18 0.60 -8.52 -3.74
N ASP A 19 1.55 -8.35 -4.66
CA ASP A 19 2.96 -8.29 -4.29
C ASP A 19 3.26 -7.07 -3.43
N VAL A 20 2.66 -5.92 -3.76
CA VAL A 20 2.84 -4.72 -2.95
C VAL A 20 2.30 -4.95 -1.54
N LEU A 21 1.07 -5.49 -1.44
CA LEU A 21 0.47 -5.68 -0.13
C LEU A 21 1.28 -6.64 0.74
N LEU A 22 1.81 -7.70 0.14
CA LEU A 22 2.66 -8.64 0.88
C LEU A 22 3.87 -7.93 1.48
N ASN A 23 4.54 -7.09 0.69
CA ASN A 23 5.69 -6.34 1.21
C ASN A 23 5.27 -5.32 2.27
N LEU A 24 4.09 -4.71 2.11
CA LEU A 24 3.56 -3.81 3.13
C LEU A 24 3.34 -4.55 4.45
N ASN A 25 2.81 -5.78 4.37
CA ASN A 25 2.66 -6.59 5.57
C ASN A 25 4.01 -6.98 6.15
N ARG A 26 4.99 -7.28 5.28
CA ARG A 26 6.32 -7.58 5.78
C ARG A 26 6.91 -6.38 6.52
N LEU A 27 6.67 -5.16 5.99
CA LEU A 27 7.17 -3.96 6.66
C LEU A 27 6.51 -3.80 8.02
N ARG A 28 5.19 -4.07 8.09
CA ARG A 28 4.50 -4.00 9.37
C ARG A 28 5.09 -5.02 10.36
N SER A 29 5.42 -6.22 9.88
N SER A 29 5.41 -6.20 9.86
CA SER A 29 5.93 -7.26 10.77
CA SER A 29 6.00 -7.26 10.63
C SER A 29 7.32 -6.93 11.30
C SER A 29 7.28 -6.85 11.33
N ARG A 30 8.03 -6.00 10.66
CA ARG A 30 9.31 -5.54 11.15
C ARG A 30 9.24 -4.13 11.73
N ASP A 31 8.02 -3.57 11.85
CA ASP A 31 7.80 -2.24 12.43
C ASP A 31 8.56 -1.16 11.67
N ILE A 32 8.64 -1.31 10.36
CA ILE A 32 9.29 -0.32 9.56
C ILE A 32 8.31 0.69 9.05
N LEU A 33 8.56 1.94 9.34
CA LEU A 33 7.75 3.07 8.90
C LEU A 33 6.31 3.02 9.40
N THR A 34 5.99 2.16 10.37
CA THR A 34 4.71 2.28 11.06
C THR A 34 4.62 3.62 11.76
N ASP A 35 3.44 4.25 11.71
CA ASP A 35 3.29 5.62 12.18
C ASP A 35 2.09 5.81 13.10
N VAL A 36 1.48 4.72 13.57
CA VAL A 36 0.38 4.86 14.51
C VAL A 36 0.27 3.56 15.31
N VAL A 37 -0.20 3.69 16.55
CA VAL A 37 -0.58 2.55 17.37
C VAL A 37 -2.07 2.66 17.65
N ILE A 38 -2.78 1.55 17.44
CA ILE A 38 -4.20 1.47 17.68
C ILE A 38 -4.37 0.73 19.00
N VAL A 39 -5.03 1.37 19.98
CA VAL A 39 -5.22 0.78 21.29
C VAL A 39 -6.61 0.18 21.34
N VAL A 40 -6.69 -1.10 21.69
CA VAL A 40 -7.95 -1.85 21.76
C VAL A 40 -7.99 -2.50 23.13
N SER A 41 -8.66 -1.84 24.09
CA SER A 41 -8.73 -2.31 25.47
C SER A 41 -7.30 -2.40 26.00
N ARG A 42 -6.82 -3.56 26.44
CA ARG A 42 -5.47 -3.67 26.99
C ARG A 42 -4.43 -4.03 25.93
N GLU A 43 -4.78 -3.99 24.65
CA GLU A 43 -3.90 -4.41 23.58
C GLU A 43 -3.52 -3.22 22.69
N GLN A 44 -2.41 -3.37 21.98
CA GLN A 44 -1.92 -2.35 21.05
C GLN A 44 -1.55 -3.01 19.73
N PHE A 45 -1.83 -2.30 18.63
CA PHE A 45 -1.49 -2.75 17.29
C PHE A 45 -0.84 -1.60 16.55
N ARG A 46 0.37 -1.82 16.04
CA ARG A 46 1.04 -0.82 15.21
C ARG A 46 0.73 -1.08 13.75
N ALA A 47 0.65 0.00 12.97
CA ALA A 47 0.23 -0.11 11.58
C ALA A 47 0.67 1.14 10.80
N HIS A 48 0.34 1.14 9.51
CA HIS A 48 0.59 2.26 8.61
C HIS A 48 -0.71 2.99 8.37
N LYS A 49 -0.74 4.30 8.65
CA LYS A 49 -1.96 5.09 8.48
C LYS A 49 -2.52 4.99 7.07
N THR A 50 -1.64 5.00 6.05
CA THR A 50 -2.12 4.91 4.68
C THR A 50 -2.90 3.61 4.44
N VAL A 51 -2.40 2.50 4.98
CA VAL A 51 -3.11 1.23 4.79
C VAL A 51 -4.45 1.24 5.52
N LEU A 52 -4.46 1.80 6.73
CA LEU A 52 -5.70 1.93 7.50
C LEU A 52 -6.74 2.75 6.75
N MET A 53 -6.32 3.90 6.22
CA MET A 53 -7.20 4.79 5.51
C MET A 53 -7.73 4.15 4.23
N ALA A 54 -6.88 3.42 3.52
CA ALA A 54 -7.29 2.77 2.27
C ALA A 54 -8.33 1.69 2.52
N CYS A 55 -8.33 1.11 3.73
CA CYS A 55 -9.09 -0.10 4.01
C CYS A 55 -10.33 0.11 4.88
N SER A 56 -10.51 1.27 5.49
CA SER A 56 -11.51 1.45 6.54
C SER A 56 -12.11 2.84 6.47
N GLY A 57 -13.44 2.92 6.39
CA GLY A 57 -14.08 4.22 6.36
C GLY A 57 -13.88 5.00 7.66
N LEU A 58 -13.81 4.29 8.79
CA LEU A 58 -13.55 4.96 10.06
C LEU A 58 -12.15 5.57 10.07
N PHE A 59 -11.14 4.77 9.73
CA PHE A 59 -9.77 5.29 9.74
C PHE A 59 -9.56 6.34 8.66
N TYR A 60 -10.26 6.21 7.52
CA TYR A 60 -10.23 7.28 6.54
C TYR A 60 -10.75 8.58 7.14
N SER A 61 -11.92 8.52 7.79
CA SER A 61 -12.53 9.76 8.26
CA SER A 61 -12.55 9.75 8.29
C SER A 61 -11.72 10.41 9.38
N ILE A 62 -10.95 9.62 10.14
CA ILE A 62 -10.11 10.21 11.18
C ILE A 62 -8.92 10.91 10.55
N PHE A 63 -8.10 10.18 9.82
CA PHE A 63 -6.84 10.75 9.36
C PHE A 63 -6.99 11.71 8.20
N THR A 64 -8.10 11.66 7.46
CA THR A 64 -8.29 12.67 6.41
C THR A 64 -8.54 14.05 6.98
N ASP A 65 -9.01 14.12 8.23
CA ASP A 65 -9.22 15.38 8.92
C ASP A 65 -7.88 15.90 9.41
N GLN A 66 -7.53 17.08 8.99
CA GLN A 66 -6.28 17.68 9.39
C GLN A 66 -6.20 17.89 10.91
N LEU A 67 -7.34 17.96 11.56
CA LEU A 67 -7.37 18.06 13.00
C LEU A 67 -6.82 16.82 13.69
N LYS A 68 -6.99 15.73 13.01
CA LYS A 68 -6.41 14.42 13.60
C LYS A 68 -5.33 13.62 12.76
N ARG A 69 -4.98 14.19 11.61
CA ARG A 69 -4.11 13.43 10.70
C ARG A 69 -2.76 13.10 11.31
N ASN A 70 -2.28 13.92 12.24
CA ASN A 70 -0.94 13.72 12.79
C ASN A 70 -0.94 12.91 14.09
N LEU A 71 -2.09 12.39 14.52
CA LEU A 71 -2.13 11.59 15.73
C LEU A 71 -1.24 10.36 15.60
N SER A 72 -0.53 10.04 16.69
CA SER A 72 0.29 8.84 16.75
C SER A 72 -0.38 7.72 17.54
N VAL A 73 -1.50 7.99 18.20
CA VAL A 73 -2.22 7.02 19.00
C VAL A 73 -3.70 7.18 18.70
N ILE A 74 -4.39 6.06 18.45
CA ILE A 74 -5.84 6.04 18.27
C ILE A 74 -6.41 5.04 19.27
N ASN A 75 -7.30 5.49 20.13
CA ASN A 75 -7.98 4.64 21.09
C ASN A 75 -9.34 4.27 20.51
N LEU A 76 -9.54 2.99 20.23
CA LEU A 76 -10.82 2.54 19.71
C LEU A 76 -11.84 2.46 20.83
N ASP A 77 -13.07 2.18 20.48
CA ASP A 77 -14.16 2.03 21.43
C ASP A 77 -13.81 0.89 22.36
N PRO A 78 -13.98 1.04 23.68
CA PRO A 78 -13.59 -0.03 24.62
C PRO A 78 -14.35 -1.33 24.41
N GLU A 79 -15.46 -1.30 23.69
CA GLU A 79 -16.24 -2.51 23.45
C GLU A 79 -15.69 -3.36 22.32
N ILE A 80 -14.69 -2.90 21.58
CA ILE A 80 -14.16 -3.64 20.44
C ILE A 80 -13.34 -4.82 20.96
N ASN A 81 -13.60 -6.00 20.42
CA ASN A 81 -12.87 -7.21 20.78
C ASN A 81 -11.50 -7.22 20.11
N PRO A 82 -10.41 -7.34 20.87
CA PRO A 82 -9.07 -7.27 20.23
C PRO A 82 -8.83 -8.37 19.22
N GLU A 83 -9.31 -9.59 19.48
CA GLU A 83 -9.14 -10.66 18.50
C GLU A 83 -9.85 -10.32 17.19
N GLY A 84 -11.08 -9.80 17.29
CA GLY A 84 -11.79 -9.40 16.09
C GLY A 84 -11.11 -8.27 15.35
N PHE A 85 -10.53 -7.31 16.08
CA PHE A 85 -9.79 -6.25 15.40
C PHE A 85 -8.57 -6.83 14.69
N ASN A 86 -7.85 -7.74 15.36
CA ASN A 86 -6.65 -8.32 14.76
C ASN A 86 -6.96 -9.06 13.47
N ILE A 87 -8.06 -9.82 13.45
CA ILE A 87 -8.50 -10.54 12.25
C ILE A 87 -8.70 -9.57 11.10
N LEU A 88 -9.33 -8.42 11.38
CA LEU A 88 -9.56 -7.42 10.34
C LEU A 88 -8.28 -6.69 9.96
N LEU A 89 -7.42 -6.37 10.93
CA LEU A 89 -6.11 -5.80 10.60
C LEU A 89 -5.32 -6.72 9.68
N ASP A 90 -5.32 -8.02 9.99
CA ASP A 90 -4.69 -9.00 9.12
C ASP A 90 -5.31 -8.97 7.73
N PHE A 91 -6.64 -8.89 7.64
CA PHE A 91 -7.29 -8.89 6.34
C PHE A 91 -6.84 -7.68 5.52
N MET A 92 -6.74 -6.53 6.13
CA MET A 92 -6.34 -5.37 5.40
C MET A 92 -4.99 -5.56 4.67
N TYR A 93 -4.07 -6.22 5.35
CA TYR A 93 -2.71 -6.42 4.84
C TYR A 93 -2.55 -7.71 4.05
N THR A 94 -3.55 -8.60 4.04
CA THR A 94 -3.39 -9.88 3.35
C THR A 94 -4.47 -10.23 2.35
N SER A 95 -5.62 -9.57 2.35
CA SER A 95 -6.76 -9.90 1.50
C SER A 95 -7.44 -11.20 1.91
N ARG A 96 -7.02 -11.76 3.04
CA ARG A 96 -7.56 -13.00 3.55
C ARG A 96 -8.30 -12.81 4.91
N LEU A 97 -9.52 -13.31 4.99
CA LEU A 97 -10.38 -13.07 6.14
C LEU A 97 -10.62 -14.39 6.85
N ASN A 98 -10.32 -14.43 8.15
CA ASN A 98 -10.38 -15.66 8.92
C ASN A 98 -11.72 -15.70 9.66
N LEU A 99 -12.75 -16.13 8.93
CA LEU A 99 -14.09 -16.28 9.49
C LEU A 99 -14.29 -17.70 9.99
N ARG A 100 -14.61 -17.84 11.27
CA ARG A 100 -14.95 -19.11 11.93
C ARG A 100 -16.20 -18.80 12.79
N VAL A 101 -17.16 -19.72 12.90
CA VAL A 101 -18.35 -19.43 13.69
C VAL A 101 -17.98 -19.13 15.15
N GLY A 102 -16.76 -19.47 15.57
CA GLY A 102 -16.31 -19.08 16.89
C GLY A 102 -15.91 -17.62 17.01
N ASN A 103 -15.74 -16.93 15.87
CA ASN A 103 -15.34 -15.52 15.90
C ASN A 103 -16.20 -14.61 15.04
N ILE A 104 -17.22 -15.12 14.34
CA ILE A 104 -17.86 -14.34 13.29
C ILE A 104 -18.55 -13.12 13.88
N MET A 105 -19.31 -13.31 14.97
CA MET A 105 -20.05 -12.21 15.58
C MET A 105 -19.14 -11.04 15.92
N ALA A 106 -18.00 -11.34 16.55
CA ALA A 106 -17.07 -10.29 16.95
C ALA A 106 -16.36 -9.69 15.74
N VAL A 107 -16.15 -10.47 14.68
CA VAL A 107 -15.58 -9.92 13.46
C VAL A 107 -16.58 -9.03 12.75
N MET A 108 -17.83 -9.48 12.63
CA MET A 108 -18.84 -8.70 11.92
C MET A 108 -19.08 -7.37 12.61
N ALA A 109 -19.29 -7.40 13.94
CA ALA A 109 -19.51 -6.17 14.70
C ALA A 109 -18.32 -5.22 14.57
N THR A 110 -17.10 -5.75 14.55
CA THR A 110 -15.92 -4.90 14.40
C THR A 110 -15.85 -4.29 13.01
N ALA A 111 -16.16 -5.09 11.97
CA ALA A 111 -16.15 -4.56 10.61
C ALA A 111 -17.20 -3.47 10.42
N MET A 112 -18.34 -3.58 11.11
CA MET A 112 -19.32 -2.49 11.09
C MET A 112 -18.73 -1.22 11.68
N TYR A 113 -18.10 -1.33 12.85
CA TYR A 113 -17.49 -0.17 13.49
C TYR A 113 -16.40 0.44 12.60
N LEU A 114 -15.61 -0.39 11.92
CA LEU A 114 -14.53 0.09 11.08
C LEU A 114 -14.98 0.55 9.69
N GLN A 115 -16.28 0.42 9.39
CA GLN A 115 -16.85 0.78 8.09
C GLN A 115 -16.09 0.07 6.96
N MET A 116 -16.16 -1.25 6.96
CA MET A 116 -15.60 -2.14 5.95
C MET A 116 -16.79 -2.95 5.42
N GLU A 117 -17.56 -2.31 4.59
CA GLU A 117 -18.79 -2.86 4.05
C GLU A 117 -18.64 -4.16 3.27
N HIS A 118 -17.57 -4.27 2.53
CA HIS A 118 -17.27 -5.51 1.82
C HIS A 118 -17.19 -6.67 2.80
N VAL A 119 -16.51 -6.46 3.93
CA VAL A 119 -16.37 -7.50 4.94
C VAL A 119 -17.71 -7.76 5.62
N VAL A 120 -18.42 -6.69 5.93
CA VAL A 120 -19.77 -6.88 6.55
C VAL A 120 -20.67 -7.68 5.61
N ASP A 121 -20.65 -7.31 4.35
CA ASP A 121 -21.46 -8.03 3.38
C ASP A 121 -21.08 -9.51 3.31
N THR A 122 -19.78 -9.81 3.45
CA THR A 122 -19.33 -11.19 3.42
C THR A 122 -19.77 -11.94 4.69
N CYS A 123 -19.64 -11.30 5.85
CA CYS A 123 -20.12 -11.86 7.10
C CYS A 123 -21.60 -12.21 7.02
N ARG A 124 -22.38 -11.38 6.35
CA ARG A 124 -23.80 -11.66 6.16
C ARG A 124 -24.01 -12.93 5.37
N LYS A 125 -23.19 -13.16 4.34
CA LYS A 125 -23.37 -14.37 3.57
C LYS A 125 -22.80 -15.59 4.27
N PHE A 126 -21.81 -15.39 5.13
CA PHE A 126 -21.35 -16.48 5.98
C PHE A 126 -22.46 -16.97 6.89
N ILE A 127 -23.22 -16.02 7.47
CA ILE A 127 -24.36 -16.38 8.31
C ILE A 127 -25.40 -17.11 7.48
N LYS A 128 -25.72 -16.59 6.33
CA LYS A 128 -26.71 -17.18 5.46
C LYS A 128 -26.31 -18.57 4.94
N ALA A 129 -25.07 -18.69 4.53
CA ALA A 129 -24.56 -20.00 4.14
C ALA A 129 -24.39 -20.94 5.32
N SER A 130 -24.50 -20.44 6.55
CA SER A 130 -24.53 -21.25 7.76
C SER A 130 -23.34 -22.18 7.88
N ASP B 8 -4.38 -19.51 4.54
CA ASP B 8 -4.38 -20.93 4.23
C ASP B 8 -5.79 -21.28 3.83
N SER B 9 -6.60 -21.59 4.83
CA SER B 9 -8.01 -21.87 4.57
C SER B 9 -8.89 -20.64 4.82
N GLN B 10 -8.32 -19.43 4.70
CA GLN B 10 -9.11 -18.23 4.89
C GLN B 10 -9.85 -17.88 3.61
N ILE B 11 -10.78 -16.95 3.71
CA ILE B 11 -11.59 -16.52 2.61
C ILE B 11 -10.85 -15.48 1.83
N GLN B 12 -10.75 -15.67 0.52
CA GLN B 12 -10.03 -14.78 -0.29
C GLN B 12 -10.82 -13.68 -0.91
N PHE B 13 -10.37 -12.46 -0.73
CA PHE B 13 -10.97 -11.30 -1.39
C PHE B 13 -10.08 -10.99 -2.60
N THR B 14 -10.53 -11.43 -3.78
CA THR B 14 -9.70 -11.38 -4.97
C THR B 14 -9.45 -9.97 -5.48
N ARG B 15 -10.26 -9.00 -5.08
CA ARG B 15 -10.12 -7.62 -5.52
C ARG B 15 -9.50 -6.71 -4.47
N HIS B 16 -9.25 -7.22 -3.26
CA HIS B 16 -8.84 -6.37 -2.16
C HIS B 16 -7.52 -5.66 -2.44
N ALA B 17 -6.51 -6.40 -2.92
CA ALA B 17 -5.19 -5.81 -3.12
C ALA B 17 -5.24 -4.68 -4.13
N SER B 18 -5.92 -4.89 -5.27
CA SER B 18 -6.08 -3.83 -6.26
C SER B 18 -6.86 -2.65 -5.69
N ASP B 19 -7.88 -2.92 -4.87
CA ASP B 19 -8.66 -1.83 -4.27
C ASP B 19 -7.82 -1.02 -3.30
N VAL B 20 -6.93 -1.68 -2.55
CA VAL B 20 -6.03 -0.97 -1.65
C VAL B 20 -5.10 -0.06 -2.45
N LEU B 21 -4.48 -0.61 -3.50
CA LEU B 21 -3.55 0.18 -4.30
C LEU B 21 -4.25 1.37 -4.94
N LEU B 22 -5.49 1.17 -5.42
CA LEU B 22 -6.26 2.27 -5.97
C LEU B 22 -6.45 3.39 -4.96
N ASN B 23 -6.77 3.05 -3.71
CA ASN B 23 -6.95 4.09 -2.70
C ASN B 23 -5.61 4.72 -2.33
N LEU B 24 -4.54 3.94 -2.34
CA LEU B 24 -3.20 4.49 -2.08
C LEU B 24 -2.83 5.52 -3.15
N ASN B 25 -3.16 5.23 -4.42
CA ASN B 25 -2.92 6.19 -5.49
C ASN B 25 -3.82 7.41 -5.35
N ARG B 26 -5.06 7.21 -4.90
CA ARG B 26 -5.94 8.36 -4.66
C ARG B 26 -5.36 9.25 -3.56
N LEU B 27 -4.81 8.65 -2.51
CA LEU B 27 -4.19 9.42 -1.44
C LEU B 27 -2.98 10.20 -1.96
N ARG B 28 -2.19 9.58 -2.85
CA ARG B 28 -1.07 10.30 -3.45
C ARG B 28 -1.56 11.48 -4.27
N SER B 29 -2.64 11.29 -5.03
N SER B 29 -2.61 11.22 -4.97
N SER B 29 -2.62 11.26 -5.04
CA SER B 29 -3.18 12.35 -5.87
CA SER B 29 -3.15 12.28 -5.81
CA SER B 29 -3.27 12.33 -5.77
C SER B 29 -3.75 13.52 -5.07
C SER B 29 -3.72 13.44 -5.00
C SER B 29 -3.63 13.54 -5.01
N ARG B 30 -4.04 13.31 -3.78
CA ARG B 30 -4.47 14.40 -2.91
C ARG B 30 -3.39 14.81 -1.91
N ASP B 31 -2.18 14.24 -2.04
CA ASP B 31 -1.05 14.58 -1.16
C ASP B 31 -1.34 14.28 0.31
N ILE B 32 -2.10 13.21 0.57
CA ILE B 32 -2.46 12.84 1.93
C ILE B 32 -1.46 11.82 2.45
N LEU B 33 -0.77 12.18 3.52
CA LEU B 33 0.26 11.41 4.20
C LEU B 33 1.44 11.03 3.32
N THR B 34 1.64 11.71 2.20
CA THR B 34 2.91 11.60 1.50
C THR B 34 4.03 12.10 2.42
N ASP B 35 5.16 11.38 2.42
CA ASP B 35 6.22 11.66 3.38
C ASP B 35 7.59 11.81 2.74
N VAL B 36 7.67 11.87 1.42
CA VAL B 36 8.97 12.07 0.77
C VAL B 36 8.72 12.75 -0.57
N VAL B 37 9.59 13.67 -0.92
CA VAL B 37 9.73 14.11 -2.35
CA VAL B 37 9.74 14.14 -2.34
C VAL B 37 11.08 13.59 -3.08
N ILE B 38 10.75 13.04 -4.25
CA ILE B 38 11.82 12.47 -5.05
C ILE B 38 12.17 13.51 -6.11
N VAL B 39 13.39 14.02 -6.07
CA VAL B 39 13.86 15.03 -7.01
C VAL B 39 14.57 14.31 -8.15
N VAL B 40 14.12 14.58 -9.37
CA VAL B 40 14.72 14.02 -10.59
C VAL B 40 15.02 15.21 -11.48
N SER B 41 16.28 15.64 -11.50
CA SER B 41 16.70 16.81 -12.26
C SER B 41 15.87 18.03 -11.87
N ARG B 42 15.21 18.52 -12.95
CA ARG B 42 14.31 19.54 -12.48
C ARG B 42 13.01 19.00 -11.89
N GLU B 43 12.66 17.78 -11.85
CA GLU B 43 11.32 17.65 -11.39
C GLU B 43 11.19 17.16 -10.00
N GLN B 44 9.99 17.23 -9.43
CA GLN B 44 9.77 16.71 -8.09
C GLN B 44 8.53 15.82 -8.09
N PHE B 45 8.62 14.69 -7.38
CA PHE B 45 7.50 13.76 -7.25
C PHE B 45 7.30 13.45 -5.77
N ARG B 46 6.06 13.65 -5.27
CA ARG B 46 5.74 13.28 -3.90
C ARG B 46 5.14 11.88 -3.89
N ALA B 47 5.43 11.13 -2.82
CA ALA B 47 5.02 9.74 -2.74
C ALA B 47 5.02 9.29 -1.29
N HIS B 48 4.65 8.01 -1.09
CA HIS B 48 4.69 7.37 0.20
C HIS B 48 5.89 6.44 0.28
N LYS B 49 6.72 6.63 1.30
CA LYS B 49 7.91 5.79 1.47
C LYS B 49 7.55 4.31 1.49
N THR B 50 6.44 3.95 2.14
CA THR B 50 6.06 2.54 2.21
C THR B 50 5.88 1.93 0.82
N VAL B 51 5.19 2.66 -0.06
CA VAL B 51 4.95 2.12 -1.41
C VAL B 51 6.25 2.06 -2.20
N LEU B 52 7.09 3.10 -2.06
CA LEU B 52 8.40 3.08 -2.71
C LEU B 52 9.23 1.89 -2.25
N MET B 53 9.25 1.63 -0.94
CA MET B 53 10.04 0.50 -0.43
C MET B 53 9.48 -0.83 -0.91
N ALA B 54 8.15 -0.97 -0.94
CA ALA B 54 7.57 -2.24 -1.36
C ALA B 54 7.84 -2.55 -2.82
N CYS B 55 8.03 -1.53 -3.66
CA CYS B 55 8.09 -1.74 -5.09
C CYS B 55 9.48 -1.63 -5.69
N SER B 56 10.48 -1.14 -4.95
CA SER B 56 11.77 -0.85 -5.56
C SER B 56 12.92 -1.26 -4.64
N GLY B 57 13.84 -2.06 -5.18
CA GLY B 57 15.00 -2.44 -4.40
C GLY B 57 15.84 -1.26 -3.96
N LEU B 58 15.99 -0.27 -4.83
CA LEU B 58 16.76 0.93 -4.46
C LEU B 58 16.10 1.66 -3.30
N PHE B 59 14.80 1.93 -3.42
CA PHE B 59 14.11 2.65 -2.35
C PHE B 59 14.03 1.83 -1.08
N TYR B 60 13.92 0.50 -1.20
CA TYR B 60 14.00 -0.33 -0.01
C TYR B 60 15.35 -0.17 0.67
N SER B 61 16.44 -0.25 -0.09
CA SER B 61 17.76 -0.22 0.52
CA SER B 61 17.78 -0.20 0.48
C SER B 61 18.08 1.15 1.12
N ILE B 62 17.41 2.21 0.66
CA ILE B 62 17.63 3.54 1.25
C ILE B 62 16.90 3.64 2.57
N PHE B 63 15.58 3.44 2.55
CA PHE B 63 14.77 3.73 3.72
C PHE B 63 14.84 2.65 4.79
N THR B 64 15.32 1.45 4.46
CA THR B 64 15.45 0.43 5.50
C THR B 64 16.62 0.72 6.41
N ASP B 65 17.57 1.54 5.95
CA ASP B 65 18.72 1.92 6.74
C ASP B 65 18.33 3.07 7.67
N GLN B 66 18.46 2.86 8.98
CA GLN B 66 18.07 3.90 9.92
C GLN B 66 18.89 5.18 9.74
N LEU B 67 20.03 5.09 9.03
CA LEU B 67 20.76 6.31 8.70
C LEU B 67 19.99 7.21 7.74
N LYS B 68 19.09 6.65 6.93
CA LYS B 68 18.38 7.40 5.91
C LYS B 68 16.86 7.30 6.00
N ARG B 69 16.33 6.54 6.96
CA ARG B 69 14.90 6.25 6.96
C ARG B 69 14.05 7.51 7.14
N ASN B 70 14.56 8.51 7.83
CA ASN B 70 13.78 9.70 8.14
C ASN B 70 13.95 10.82 7.11
N LEU B 71 14.71 10.60 6.05
CA LEU B 71 14.86 11.62 5.01
C LEU B 71 13.52 11.98 4.40
N SER B 72 13.29 13.28 4.18
CA SER B 72 12.11 13.76 3.49
C SER B 72 12.39 14.15 2.04
N VAL B 73 13.65 14.14 1.62
CA VAL B 73 14.05 14.46 0.26
C VAL B 73 15.04 13.41 -0.21
N ILE B 74 14.82 12.88 -1.41
CA ILE B 74 15.75 11.94 -2.04
C ILE B 74 16.07 12.49 -3.42
N ASN B 75 17.34 12.81 -3.66
CA ASN B 75 17.79 13.26 -4.96
C ASN B 75 18.30 12.05 -5.76
N LEU B 76 17.64 11.78 -6.88
CA LEU B 76 18.04 10.66 -7.73
C LEU B 76 19.24 11.04 -8.59
N ASP B 77 19.77 10.04 -9.27
CA ASP B 77 20.87 10.26 -10.20
C ASP B 77 20.46 11.27 -11.26
N PRO B 78 21.24 12.33 -11.48
CA PRO B 78 20.83 13.37 -12.45
C PRO B 78 20.65 12.86 -13.88
N GLU B 79 21.15 11.67 -14.21
CA GLU B 79 20.95 11.10 -15.53
C GLU B 79 19.58 10.47 -15.71
N ILE B 80 18.81 10.30 -14.62
CA ILE B 80 17.49 9.68 -14.74
C ILE B 80 16.54 10.61 -15.47
N ASN B 81 15.82 10.06 -16.44
CA ASN B 81 14.83 10.82 -17.21
C ASN B 81 13.52 10.94 -16.41
N PRO B 82 13.00 12.16 -16.21
CA PRO B 82 11.79 12.29 -15.36
C PRO B 82 10.57 11.59 -15.94
N GLU B 83 10.39 11.62 -17.26
CA GLU B 83 9.26 10.90 -17.86
C GLU B 83 9.34 9.41 -17.55
N GLY B 84 10.52 8.83 -17.71
CA GLY B 84 10.71 7.44 -17.36
C GLY B 84 10.41 7.15 -15.89
N PHE B 85 10.88 8.03 -15.00
CA PHE B 85 10.59 7.81 -13.59
C PHE B 85 9.09 7.90 -13.33
N ASN B 86 8.43 8.90 -13.91
CA ASN B 86 6.99 9.07 -13.72
C ASN B 86 6.22 7.82 -14.17
N ILE B 87 6.60 7.25 -15.31
CA ILE B 87 5.95 6.02 -15.79
C ILE B 87 6.12 4.92 -14.76
N LEU B 88 7.30 4.83 -14.12
CA LEU B 88 7.53 3.78 -13.14
C LEU B 88 6.81 4.07 -11.83
N LEU B 89 6.76 5.34 -11.40
CA LEU B 89 5.98 5.71 -10.22
C LEU B 89 4.50 5.38 -10.41
N ASP B 90 3.96 5.71 -11.58
CA ASP B 90 2.59 5.33 -11.90
C ASP B 90 2.41 3.83 -11.78
N PHE B 91 3.33 3.05 -12.37
CA PHE B 91 3.25 1.60 -12.29
C PHE B 91 3.18 1.13 -10.84
N MET B 92 4.03 1.69 -9.98
CA MET B 92 4.00 1.26 -8.63
C MET B 92 2.60 1.35 -8.01
N TYR B 93 1.92 2.45 -8.29
CA TYR B 93 0.63 2.71 -7.69
C TYR B 93 -0.55 2.18 -8.50
N THR B 94 -0.31 1.62 -9.70
CA THR B 94 -1.43 1.20 -10.54
C THR B 94 -1.34 -0.22 -11.07
N SER B 95 -0.15 -0.85 -11.10
CA SER B 95 0.09 -2.15 -11.72
C SER B 95 0.04 -2.07 -13.25
N ARG B 96 -0.06 -0.87 -13.82
CA ARG B 96 -0.14 -0.67 -15.25
C ARG B 96 1.14 0.01 -15.73
N LEU B 97 1.78 -0.59 -16.74
CA LEU B 97 3.07 -0.13 -17.23
C LEU B 97 2.90 0.39 -18.66
N ASN B 98 3.22 1.67 -18.86
CA ASN B 98 3.00 2.34 -20.14
C ASN B 98 4.29 2.27 -20.96
N LEU B 99 4.48 1.12 -21.61
CA LEU B 99 5.61 0.92 -22.51
C LEU B 99 5.21 1.30 -23.93
N ARG B 100 5.97 2.22 -24.53
CA ARG B 100 5.77 2.62 -25.91
C ARG B 100 7.11 2.53 -26.63
N VAL B 101 7.06 2.66 -27.97
CA VAL B 101 8.30 2.69 -28.75
C VAL B 101 9.13 3.89 -28.34
N GLY B 102 8.48 5.00 -27.94
CA GLY B 102 9.19 6.23 -27.67
C GLY B 102 9.81 6.31 -26.29
N ASN B 103 9.39 5.45 -25.36
CA ASN B 103 9.89 5.50 -23.99
C ASN B 103 10.55 4.21 -23.52
N ILE B 104 10.60 3.16 -24.36
CA ILE B 104 11.06 1.85 -23.90
C ILE B 104 12.46 1.93 -23.31
N MET B 105 13.36 2.68 -23.97
CA MET B 105 14.74 2.74 -23.51
C MET B 105 14.85 3.47 -22.18
N ALA B 106 14.15 4.60 -22.06
CA ALA B 106 14.21 5.38 -20.83
C ALA B 106 13.54 4.65 -19.68
N VAL B 107 12.47 3.89 -19.95
CA VAL B 107 11.79 3.17 -18.88
C VAL B 107 12.62 1.99 -18.41
N MET B 108 13.30 1.29 -19.32
CA MET B 108 14.13 0.15 -18.95
C MET B 108 15.31 0.57 -18.11
N ALA B 109 16.02 1.54 -18.59
CA ALA B 109 17.17 2.04 -17.84
C ALA B 109 16.77 2.52 -16.45
N THR B 110 15.63 3.20 -16.34
CA THR B 110 15.20 3.68 -15.04
C THR B 110 14.80 2.52 -14.14
N ALA B 111 14.18 1.48 -14.71
CA ALA B 111 13.82 0.31 -13.92
C ALA B 111 15.05 -0.44 -13.42
N MET B 112 16.13 -0.39 -14.17
CA MET B 112 17.30 -1.02 -13.69
C MET B 112 17.85 -0.22 -12.50
N TYR B 113 17.91 1.08 -12.62
CA TYR B 113 18.41 1.92 -11.53
C TYR B 113 17.55 1.77 -10.28
N LEU B 114 16.24 1.61 -10.44
CA LEU B 114 15.34 1.45 -9.30
C LEU B 114 15.27 0.01 -8.79
N GLN B 115 15.93 -0.93 -9.46
CA GLN B 115 15.91 -2.35 -9.10
C GLN B 115 14.48 -2.86 -8.97
N MET B 116 13.77 -2.84 -10.10
CA MET B 116 12.44 -3.43 -10.27
C MET B 116 12.60 -4.47 -11.38
N GLU B 117 13.10 -5.62 -11.02
CA GLU B 117 13.44 -6.68 -11.95
C GLU B 117 12.34 -7.19 -12.85
N HIS B 118 11.13 -7.31 -12.33
CA HIS B 118 10.02 -7.75 -13.15
C HIS B 118 9.76 -6.78 -14.27
N VAL B 119 9.89 -5.50 -14.01
CA VAL B 119 9.68 -4.50 -15.05
C VAL B 119 10.81 -4.57 -16.07
N VAL B 120 12.04 -4.72 -15.56
CA VAL B 120 13.17 -4.87 -16.49
C VAL B 120 12.91 -6.13 -17.30
N ASP B 121 12.53 -7.23 -16.66
CA ASP B 121 12.26 -8.49 -17.35
C ASP B 121 11.17 -8.33 -18.41
N THR B 122 10.14 -7.52 -18.11
CA THR B 122 9.08 -7.28 -19.08
C THR B 122 9.57 -6.36 -20.21
N CYS B 123 10.39 -5.36 -19.87
CA CYS B 123 11.06 -4.57 -20.91
C CYS B 123 11.90 -5.46 -21.81
N ARG B 124 12.46 -6.50 -21.28
CA ARG B 124 13.24 -7.36 -22.15
C ARG B 124 12.32 -8.07 -23.11
N LYS B 125 11.18 -8.56 -22.63
CA LYS B 125 10.30 -9.26 -23.54
C LYS B 125 9.66 -8.31 -24.55
N PHE B 126 9.47 -7.04 -24.17
CA PHE B 126 8.92 -6.06 -25.11
C PHE B 126 9.87 -5.81 -26.27
N ILE B 127 11.10 -5.56 -25.87
CA ILE B 127 12.17 -5.44 -27.00
CA ILE B 127 12.14 -5.55 -26.91
C ILE B 127 12.17 -6.70 -28.06
N LYS B 128 12.01 -7.82 -27.41
CA LYS B 128 12.07 -9.04 -28.21
C LYS B 128 10.83 -9.20 -29.08
N ALA B 129 9.66 -8.78 -28.58
CA ALA B 129 8.42 -8.87 -29.35
C ALA B 129 8.31 -7.76 -30.41
N SER B 130 9.19 -6.77 -30.39
CA SER B 130 9.22 -5.74 -31.41
C SER B 130 9.85 -6.26 -32.70
N F8J C . -13.92 1.98 2.95
CA F8J C . -13.27 0.66 2.91
C F8J C . -12.83 0.34 1.47
O F8J C . -13.25 1.00 0.52
CAA F8J C . -12.27 -2.31 -0.45
CAB F8J C . -9.99 -1.53 0.18
CAC F8J C . -20.77 4.55 -0.62
CAF F8J C . -14.15 11.91 0.12
CAG F8J C . -13.12 11.74 -0.80
CAH F8J C . -12.77 5.83 2.42
CAI F8J C . -14.79 10.78 0.59
CAJ F8J C . -12.79 10.45 -1.19
CAK F8J C . -14.07 5.41 2.73
CAL F8J C . -14.25 7.43 -0.22
CAM F8J C . -12.10 3.54 2.44
CAN F8J C . -15.22 2.15 3.21
CAO F8J C . -10.97 7.17 -1.20
CAP F8J C . -12.33 7.44 -1.90
CAQ F8J C . -18.48 4.16 0.01
CAR F8J C . -20.18 4.19 1.70
CAS F8J C . -17.41 4.38 1.08
CAT F8J C . -19.12 4.40 2.77
CAV F8J C . -16.82 4.11 3.41
CBB F8J C . -10.23 6.00 0.88
CBC F8J C . -11.77 4.88 2.26
CBD F8J C . -13.34 8.09 -0.94
CBE F8J C . -15.45 3.45 3.16
CBF F8J C . -14.45 9.55 0.17
CBG F8J C . -13.46 9.40 -0.72
CBH F8J C . -14.32 4.11 2.87
CBI F8J C . -13.36 3.19 2.73
CBJ F8J C . -11.46 -1.12 0.04
NAW F8J C . -11.20 6.35 0.01
NAX F8J C . -10.52 5.26 1.98
NAY F8J C . -11.96 -0.68 1.35
NAZ F8J C . -14.93 8.35 0.47
NBK F8J C . -19.75 4.78 0.42
NBL F8J C . -17.82 3.80 2.37
SAE F8J C . -8.63 6.47 0.58
N F8J D . 12.14 -5.20 -5.30
CA F8J D . 10.94 -4.82 -6.09
C F8J D . 9.78 -5.79 -5.82
O F8J D . 10.00 -6.90 -5.32
CAA F8J D . 7.19 -7.15 -7.14
CAB F8J D . 6.13 -5.23 -5.93
CAC F8J D . 16.50 -12.02 -5.21
CAF F8J D . 16.11 -8.00 3.73
CAG F8J D . 14.86 -8.23 4.28
CAH F8J D . 13.12 -5.17 -1.37
CAI F8J D . 16.21 -7.94 2.34
CAJ F8J D . 13.76 -8.36 3.43
CAK F8J D . 13.95 -5.59 -2.41
CAL F8J D . 13.70 -8.26 -0.05
CAM F8J D . 11.45 -4.70 -3.02
CAN F8J D . 13.26 -5.69 -5.83
CAO F8J D . 10.74 -7.32 1.44
CAP F8J D . 11.54 -8.64 1.25
CAQ F8J D . 15.05 -10.19 -4.63
CAR F8J D . 17.02 -9.78 -5.94
CAS F8J D . 14.98 -8.71 -4.28
CAT F8J D . 16.93 -8.29 -5.60
CAV F8J D . 15.52 -6.46 -4.97
CBB F8J D . 10.63 -5.11 0.30
CBC F8J D . 11.83 -4.74 -1.68
CBD F8J D . 13.05 -8.39 1.11
CBE F8J D . 14.09 -5.90 -4.82
CBF F8J D . 15.13 -8.08 1.57
CBG F8J D . 13.93 -8.29 2.12
CBH F8J D . 13.52 -5.56 -3.67
CBI F8J D . 12.28 -5.12 -3.97
CBJ F8J D . 7.35 -6.16 -5.99
NAW F8J D . 11.07 -6.38 0.35
NAX F8J D . 10.99 -4.30 -0.72
NAY F8J D . 8.57 -5.35 -6.17
NAZ F8J D . 14.98 -8.06 0.24
NBK F8J D . 16.45 -10.59 -4.86
NBL F8J D . 15.54 -7.88 -5.36
SAE F8J D . 9.59 -4.50 1.49
#